data_2AAQ
#
_entry.id   2AAQ
#
_cell.length_a   120.310
_cell.length_b   62.720
_cell.length_c   83.990
_cell.angle_alpha   90.00
_cell.angle_beta   122.47
_cell.angle_gamma   90.00
#
_symmetry.space_group_name_H-M   'C 1 2 1'
#
loop_
_entity.id
_entity.type
_entity.pdbx_description
1 polymer 'glutathione reductase'
2 non-polymer 'PHOSPHATE ION'
3 non-polymer 'CHLORIDE ION'
4 non-polymer 'POTASSIUM ION'
5 non-polymer 'FLAVIN-ADENINE DINUCLEOTIDE'
6 non-polymer 2-(2-PHENYL-3-PYRIDIN-2-YL-4,5,6,7-TETRAHYDRO-2H-ISOPHOSPHINDOL-1-YL)PYRIDINE
7 non-polymer 'GOLD ION'
8 non-polymer GLYCEROL
9 water water
#
_entity_poly.entity_id   1
_entity_poly.type   'polypeptide(L)'
_entity_poly.pdbx_seq_one_letter_code
;MACRQEPQPQGPPPAAGAVASYDYLVIGGGSGGLASARRAAELGARAAVVESHKLGGTCVNVGCVPKKVMWNTAVHSEFM
HDHADYGFPSCEGKFNWRVIKEKRDAYVSRLNAIYQNNLTKSHIEIIRGHAAFTSDPKPTIEVSGKKYTAPHILIATGGM
PSTPHESQIPGASLGITSDGFFQLEELPGRSVIVGAGYIAVEMAGILSALGSKTSLMIRHDKVLRSFDSMISTNCTEELE
NAGVEVLKFSQVKEVKKTLSGLEVSMVTAVPGRLPVMTMIPDVDCLLWAIGRVPNTKDLSLNKLGIQTDDKGHIIVDEFQ
NTNVKGIYAVGDVCGKALLTPVAIAAGRKLAHRLFEYKEDSKLDYNNIPTVVFSHPPIGTVGLTEDEAIHKYGIENVKTY
STSFTPMYHAVTKRKTKCVMKMVCANKEEKVVGIHMQGLGCDEMLQGFAVAVKMGATKADFDNTVAIHPTSSEELVTLR
;
_entity_poly.pdbx_strand_id   A
#
loop_
_chem_comp.id
_chem_comp.type
_chem_comp.name
_chem_comp.formula
AU non-polymer 'GOLD ION' 'Au 1'
AUP non-polymer 2-(2-PHENYL-3-PYRIDIN-2-YL-4,5,6,7-TETRAHYDRO-2H-ISOPHOSPHINDOL-1-YL)PYRIDINE 'C24 H21 N2 P'
CL non-polymer 'CHLORIDE ION' 'Cl -1'
FAD non-polymer 'FLAVIN-ADENINE DINUCLEOTIDE' 'C27 H33 N9 O15 P2'
GOL non-polymer GLYCEROL 'C3 H8 O3'
K non-polymer 'POTASSIUM ION' 'K 1'
PO4 non-polymer 'PHOSPHATE ION' 'O4 P -3'
#
# COMPACT_ATOMS: atom_id res chain seq x y z
N VAL A 19 -11.35 -9.78 35.25
CA VAL A 19 -12.30 -9.37 34.18
C VAL A 19 -12.61 -7.86 34.22
N ALA A 20 -11.64 -7.07 33.76
CA ALA A 20 -11.80 -5.61 33.73
C ALA A 20 -12.79 -5.23 32.64
N SER A 21 -13.38 -4.06 32.76
CA SER A 21 -14.35 -3.60 31.78
C SER A 21 -14.05 -2.19 31.32
N TYR A 22 -14.19 -1.95 30.03
CA TYR A 22 -13.94 -0.64 29.47
C TYR A 22 -15.07 -0.25 28.52
N ASP A 23 -15.07 1.01 28.11
CA ASP A 23 -16.08 1.50 27.18
C ASP A 23 -15.69 1.06 25.76
N TYR A 24 -14.40 1.06 25.48
CA TYR A 24 -13.90 0.69 24.16
C TYR A 24 -12.67 -0.18 24.32
N LEU A 25 -12.74 -1.37 23.74
CA LEU A 25 -11.63 -2.33 23.76
C LEU A 25 -11.20 -2.51 22.32
N VAL A 26 -9.94 -2.19 22.03
CA VAL A 26 -9.40 -2.30 20.68
C VAL A 26 -8.40 -3.44 20.56
N ILE A 27 -8.56 -4.26 19.54
CA ILE A 27 -7.64 -5.38 19.31
C ILE A 27 -6.72 -5.01 18.16
N GLY A 28 -5.47 -4.74 18.49
CA GLY A 28 -4.49 -4.36 17.49
C GLY A 28 -4.16 -2.91 17.77
N GLY A 29 -2.89 -2.65 18.07
CA GLY A 29 -2.48 -1.29 18.37
C GLY A 29 -1.68 -0.68 17.23
N GLY A 30 -2.28 -0.57 16.06
CA GLY A 30 -1.59 0.02 14.94
C GLY A 30 -2.35 1.21 14.42
N SER A 31 -2.06 1.57 13.18
CA SER A 31 -2.69 2.72 12.53
C SER A 31 -4.17 2.91 12.85
N GLY A 32 -4.99 1.93 12.50
CA GLY A 32 -6.43 2.05 12.75
C GLY A 32 -6.84 1.95 14.21
N GLY A 33 -6.33 0.93 14.90
CA GLY A 33 -6.69 0.75 16.29
C GLY A 33 -6.39 1.98 17.12
N LEU A 34 -5.12 2.38 17.11
CA LEU A 34 -4.69 3.54 17.87
C LEU A 34 -5.50 4.77 17.50
N ALA A 35 -5.63 5.00 16.20
CA ALA A 35 -6.38 6.15 15.74
C ALA A 35 -7.76 6.15 16.37
N SER A 36 -8.51 5.08 16.13
CA SER A 36 -9.86 4.95 16.67
C SER A 36 -9.92 5.09 18.18
N ALA A 37 -9.04 4.36 18.88
CA ALA A 37 -9.03 4.42 20.33
C ALA A 37 -8.77 5.84 20.82
N ARG A 38 -7.73 6.45 20.28
CA ARG A 38 -7.36 7.80 20.69
C ARG A 38 -8.51 8.77 20.52
N ARG A 39 -9.22 8.70 19.40
CA ARG A 39 -10.33 9.62 19.17
C ARG A 39 -11.44 9.40 20.17
N ALA A 40 -11.59 8.14 20.60
CA ALA A 40 -12.61 7.78 21.58
C ALA A 40 -12.33 8.44 22.92
N ALA A 41 -11.14 8.22 23.47
CA ALA A 41 -10.78 8.81 24.75
C ALA A 41 -10.92 10.33 24.65
N GLU A 42 -10.70 10.86 23.46
CA GLU A 42 -10.81 12.29 23.21
C GLU A 42 -12.28 12.66 23.41
N LEU A 43 -13.15 11.68 23.17
CA LEU A 43 -14.59 11.84 23.29
C LEU A 43 -15.08 11.45 24.68
N GLY A 44 -14.17 10.98 25.52
CA GLY A 44 -14.54 10.58 26.87
C GLY A 44 -14.32 9.11 27.13
N ALA A 45 -14.71 8.29 26.18
CA ALA A 45 -14.58 6.84 26.29
C ALA A 45 -13.28 6.43 26.97
N ARG A 46 -13.35 5.38 27.78
CA ARG A 46 -12.16 4.88 28.45
C ARG A 46 -11.72 3.66 27.65
N ALA A 47 -10.82 3.91 26.70
CA ALA A 47 -10.34 2.86 25.83
C ALA A 47 -9.15 2.08 26.37
N ALA A 48 -8.97 0.89 25.81
CA ALA A 48 -7.88 0.00 26.19
C ALA A 48 -7.52 -0.80 24.95
N VAL A 49 -6.41 -0.46 24.32
CA VAL A 49 -5.99 -1.15 23.13
C VAL A 49 -5.04 -2.29 23.49
N VAL A 50 -5.13 -3.38 22.75
CA VAL A 50 -4.30 -4.56 22.98
C VAL A 50 -3.32 -4.76 21.85
N GLU A 51 -2.03 -4.81 22.18
CA GLU A 51 -0.99 -5.02 21.18
C GLU A 51 -0.11 -6.18 21.61
N SER A 52 0.19 -7.05 20.66
CA SER A 52 1.01 -8.22 20.91
C SER A 52 2.47 -7.97 20.56
N HIS A 53 2.71 -6.95 19.75
CA HIS A 53 4.06 -6.64 19.33
C HIS A 53 4.36 -5.15 19.52
N LYS A 54 4.97 -4.54 18.51
CA LYS A 54 5.30 -3.12 18.59
C LYS A 54 4.10 -2.25 18.27
N LEU A 55 3.88 -1.21 19.08
CA LEU A 55 2.78 -0.30 18.85
C LEU A 55 3.07 0.48 17.57
N GLY A 56 2.09 0.54 16.67
CA GLY A 56 2.27 1.25 15.42
C GLY A 56 2.10 0.34 14.23
N GLY A 57 1.99 -0.96 14.50
CA GLY A 57 1.81 -1.92 13.44
C GLY A 57 2.68 -1.82 12.21
N THR A 58 2.19 -2.40 11.11
CA THR A 58 2.89 -2.41 9.84
C THR A 58 3.32 -1.02 9.41
N CYS A 59 2.39 -0.08 9.59
CA CYS A 59 2.58 1.32 9.23
C CYS A 59 3.97 1.88 9.48
N VAL A 60 4.25 2.10 10.76
CA VAL A 60 5.51 2.68 11.20
C VAL A 60 6.76 1.87 10.94
N ASN A 61 6.84 0.71 11.58
CA ASN A 61 7.98 -0.19 11.52
C ASN A 61 8.48 -0.73 10.19
N VAL A 62 7.57 -1.25 9.38
CA VAL A 62 7.98 -1.82 8.12
C VAL A 62 7.09 -1.37 6.98
N GLY A 63 6.54 -0.17 7.08
CA GLY A 63 5.67 0.30 6.03
C GLY A 63 6.06 1.63 5.41
N CYS A 64 5.06 2.50 5.40
CA CYS A 64 5.07 3.86 4.88
C CYS A 64 6.39 4.64 4.90
N VAL A 65 6.71 5.19 6.05
CA VAL A 65 7.91 5.99 6.15
C VAL A 65 9.18 5.28 5.69
N PRO A 66 9.57 4.19 6.37
CA PRO A 66 10.79 3.50 5.93
C PRO A 66 10.79 3.25 4.43
N LYS A 67 9.60 3.08 3.85
CA LYS A 67 9.46 2.86 2.42
C LYS A 67 9.69 4.15 1.64
N LYS A 68 9.14 5.26 2.14
CA LYS A 68 9.29 6.55 1.48
C LYS A 68 10.78 6.97 1.51
N VAL A 69 11.41 6.77 2.66
CA VAL A 69 12.82 7.11 2.81
C VAL A 69 13.59 6.38 1.73
N MET A 70 13.34 5.07 1.64
CA MET A 70 13.99 4.22 0.65
C MET A 70 13.63 4.66 -0.74
N TRP A 71 12.43 5.21 -0.90
CA TRP A 71 12.03 5.67 -2.21
C TRP A 71 12.84 6.93 -2.53
N ASN A 72 12.96 7.82 -1.55
CA ASN A 72 13.72 9.06 -1.75
C ASN A 72 15.16 8.77 -2.13
N THR A 73 15.76 7.83 -1.41
CA THR A 73 17.14 7.46 -1.66
C THR A 73 17.28 7.01 -3.12
N ALA A 74 16.29 6.27 -3.59
CA ALA A 74 16.31 5.76 -4.95
C ALA A 74 16.12 6.89 -5.96
N VAL A 75 15.24 7.84 -5.65
CA VAL A 75 15.00 8.95 -6.56
C VAL A 75 16.30 9.75 -6.66
N HIS A 76 16.93 9.95 -5.52
CA HIS A 76 18.18 10.67 -5.48
C HIS A 76 19.15 10.01 -6.43
N SER A 77 19.29 8.70 -6.28
CA SER A 77 20.18 7.92 -7.12
C SER A 77 19.91 8.14 -8.61
N GLU A 78 18.65 8.26 -8.96
CA GLU A 78 18.27 8.47 -10.36
C GLU A 78 18.69 9.85 -10.82
N PHE A 79 18.29 10.85 -10.07
CA PHE A 79 18.66 12.20 -10.44
C PHE A 79 20.17 12.32 -10.60
N MET A 80 20.92 11.50 -9.86
CA MET A 80 22.37 11.54 -9.94
C MET A 80 22.93 10.96 -11.22
N HIS A 81 22.07 10.32 -12.00
CA HIS A 81 22.51 9.75 -13.27
C HIS A 81 22.36 10.91 -14.23
N ASP A 82 21.86 12.04 -13.71
CA ASP A 82 21.62 13.23 -14.50
C ASP A 82 22.61 14.35 -14.23
N HIS A 83 23.30 14.27 -13.08
CA HIS A 83 24.28 15.25 -12.65
C HIS A 83 25.09 15.83 -13.82
N ALA A 84 25.72 14.95 -14.59
CA ALA A 84 26.54 15.39 -15.71
C ALA A 84 25.69 16.13 -16.74
N ASP A 85 24.54 15.55 -17.09
CA ASP A 85 23.63 16.16 -18.07
C ASP A 85 23.34 17.60 -17.67
N TYR A 86 23.20 17.82 -16.37
CA TYR A 86 22.88 19.14 -15.84
C TYR A 86 24.09 20.05 -15.62
N GLY A 87 25.14 19.84 -16.40
CA GLY A 87 26.32 20.68 -16.30
C GLY A 87 27.32 20.40 -15.21
N PHE A 88 27.16 19.29 -14.49
CA PHE A 88 28.10 19.00 -13.41
C PHE A 88 29.06 17.86 -13.75
N PRO A 89 30.22 17.80 -13.09
CA PRO A 89 31.14 16.70 -13.41
C PRO A 89 30.54 15.39 -12.84
N SER A 90 30.72 14.29 -13.56
CA SER A 90 30.19 12.99 -13.16
C SER A 90 30.29 12.66 -11.67
N CYS A 91 29.26 11.97 -11.18
CA CYS A 91 29.18 11.57 -9.79
C CYS A 91 29.40 10.06 -9.66
N GLU A 92 30.26 9.66 -8.73
CA GLU A 92 30.60 8.26 -8.51
C GLU A 92 29.37 7.35 -8.48
N GLY A 93 28.91 6.98 -7.29
CA GLY A 93 27.73 6.14 -7.17
C GLY A 93 27.85 4.86 -6.36
N LYS A 94 28.95 4.70 -5.62
CA LYS A 94 29.15 3.48 -4.81
C LYS A 94 27.88 3.11 -4.04
N PHE A 95 27.33 4.08 -3.31
CA PHE A 95 26.12 3.91 -2.49
C PHE A 95 26.23 2.88 -1.38
N ASN A 96 26.06 3.35 -0.14
CA ASN A 96 26.13 2.49 1.01
C ASN A 96 24.80 2.34 1.73
N TRP A 97 24.17 1.19 1.51
CA TRP A 97 22.89 0.84 2.10
C TRP A 97 22.89 0.97 3.62
N ARG A 98 23.93 0.44 4.26
CA ARG A 98 24.02 0.49 5.72
C ARG A 98 23.87 1.91 6.26
N VAL A 99 24.33 2.88 5.48
CA VAL A 99 24.26 4.28 5.91
C VAL A 99 22.81 4.75 5.99
N ILE A 100 22.06 4.56 4.91
CA ILE A 100 20.66 4.97 4.88
C ILE A 100 19.82 4.16 5.87
N LYS A 101 20.10 2.87 5.96
CA LYS A 101 19.38 1.99 6.88
C LYS A 101 19.47 2.57 8.27
N GLU A 102 20.70 2.84 8.71
CA GLU A 102 20.93 3.41 10.04
C GLU A 102 20.06 4.64 10.26
N LYS A 103 20.10 5.57 9.32
CA LYS A 103 19.32 6.80 9.44
C LYS A 103 17.83 6.49 9.47
N ARG A 104 17.40 5.62 8.57
CA ARG A 104 16.00 5.22 8.50
C ARG A 104 15.55 4.72 9.87
N ASP A 105 16.32 3.82 10.47
CA ASP A 105 15.98 3.28 11.78
C ASP A 105 15.89 4.43 12.77
N ALA A 106 16.82 5.39 12.66
CA ALA A 106 16.82 6.52 13.56
C ALA A 106 15.51 7.29 13.39
N TYR A 107 15.26 7.75 12.17
CA TYR A 107 14.04 8.49 11.88
C TYR A 107 12.82 7.78 12.44
N VAL A 108 12.72 6.49 12.17
CA VAL A 108 11.59 5.72 12.65
C VAL A 108 11.43 5.90 14.15
N SER A 109 12.37 5.35 14.92
CA SER A 109 12.30 5.44 16.36
C SER A 109 12.10 6.88 16.81
N ARG A 110 12.67 7.83 16.08
CA ARG A 110 12.55 9.24 16.41
C ARG A 110 11.06 9.63 16.41
N LEU A 111 10.33 9.20 15.39
CA LEU A 111 8.90 9.48 15.28
C LEU A 111 8.22 8.60 16.30
N ASN A 112 8.61 7.34 16.29
CA ASN A 112 8.07 6.34 17.18
C ASN A 112 8.04 6.84 18.61
N ALA A 113 9.00 7.67 18.95
CA ALA A 113 9.07 8.24 20.30
C ALA A 113 7.92 9.21 20.49
N ILE A 114 7.74 10.13 19.53
CA ILE A 114 6.67 11.10 19.58
C ILE A 114 5.35 10.35 19.66
N TYR A 115 5.21 9.37 18.77
CA TYR A 115 4.02 8.54 18.72
C TYR A 115 3.65 8.16 20.15
N GLN A 116 4.53 7.38 20.78
CA GLN A 116 4.36 6.90 22.15
C GLN A 116 3.94 8.02 23.10
N ASN A 117 4.64 9.15 23.04
CA ASN A 117 4.32 10.27 23.91
C ASN A 117 2.84 10.55 23.87
N ASN A 118 2.30 10.69 22.66
CA ASN A 118 0.89 10.97 22.45
C ASN A 118 -0.01 9.88 23.03
N LEU A 119 0.20 8.65 22.59
CA LEU A 119 -0.58 7.52 23.07
C LEU A 119 -0.60 7.58 24.59
N THR A 120 0.53 7.95 25.17
CA THR A 120 0.67 8.03 26.60
C THR A 120 -0.23 9.11 27.20
N LYS A 121 -0.15 10.32 26.67
CA LYS A 121 -0.97 11.39 27.19
C LYS A 121 -2.45 11.24 26.81
N SER A 122 -2.78 10.14 26.15
CA SER A 122 -4.17 9.90 25.77
C SER A 122 -4.83 8.98 26.79
N HIS A 123 -4.13 8.78 27.91
CA HIS A 123 -4.62 7.95 29.00
C HIS A 123 -5.23 6.63 28.54
N ILE A 124 -4.72 6.08 27.45
CA ILE A 124 -5.24 4.81 26.95
C ILE A 124 -4.39 3.69 27.52
N GLU A 125 -5.01 2.71 28.14
CA GLU A 125 -4.26 1.60 28.70
C GLU A 125 -3.84 0.69 27.57
N ILE A 126 -2.58 0.25 27.60
CA ILE A 126 -2.08 -0.64 26.56
C ILE A 126 -1.92 -2.03 27.14
N ILE A 127 -2.76 -2.94 26.66
CA ILE A 127 -2.70 -4.32 27.11
C ILE A 127 -1.73 -5.04 26.21
N ARG A 128 -0.71 -5.64 26.81
CA ARG A 128 0.30 -6.37 26.05
C ARG A 128 -0.12 -7.82 25.84
N GLY A 129 0.27 -8.38 24.70
CA GLY A 129 -0.06 -9.77 24.42
C GLY A 129 -1.09 -10.03 23.34
N HIS A 130 -1.03 -11.23 22.79
CA HIS A 130 -1.93 -11.67 21.73
C HIS A 130 -3.35 -11.72 22.30
N ALA A 131 -4.34 -11.37 21.48
CA ALA A 131 -5.72 -11.38 21.95
C ALA A 131 -6.64 -12.17 21.03
N ALA A 132 -7.63 -12.81 21.62
CA ALA A 132 -8.60 -13.60 20.86
C ALA A 132 -9.89 -13.65 21.67
N PHE A 133 -11.01 -13.83 20.98
CA PHE A 133 -12.29 -13.90 21.68
C PHE A 133 -12.46 -15.31 22.24
N THR A 134 -12.84 -15.40 23.51
CA THR A 134 -13.02 -16.71 24.15
C THR A 134 -14.35 -17.36 23.75
N SER A 135 -14.82 -18.29 24.58
CA SER A 135 -16.07 -19.00 24.28
C SER A 135 -17.24 -18.48 25.11
N ASP A 136 -17.21 -17.21 25.47
CA ASP A 136 -18.30 -16.62 26.27
C ASP A 136 -19.22 -15.79 25.39
N PRO A 137 -20.44 -15.51 25.88
CA PRO A 137 -21.41 -14.72 25.11
C PRO A 137 -21.27 -13.22 25.37
N LYS A 138 -20.94 -12.87 26.61
CA LYS A 138 -20.79 -11.46 26.95
C LYS A 138 -19.48 -10.95 26.34
N PRO A 139 -19.52 -9.75 25.74
CA PRO A 139 -18.40 -9.06 25.08
C PRO A 139 -17.05 -9.24 25.77
N THR A 140 -16.35 -10.33 25.47
CA THR A 140 -15.06 -10.56 26.13
C THR A 140 -14.00 -11.29 25.33
N ILE A 141 -12.75 -10.87 25.54
CA ILE A 141 -11.59 -11.47 24.89
C ILE A 141 -10.58 -11.83 25.97
N GLU A 142 -9.72 -12.79 25.68
CA GLU A 142 -8.72 -13.24 26.64
C GLU A 142 -7.29 -12.95 26.19
N VAL A 143 -6.62 -12.06 26.94
CA VAL A 143 -5.25 -11.70 26.63
C VAL A 143 -4.36 -12.30 27.73
N SER A 144 -3.59 -13.33 27.37
CA SER A 144 -2.70 -13.99 28.31
C SER A 144 -3.42 -14.20 29.64
N GLY A 145 -4.24 -15.24 29.70
CA GLY A 145 -4.99 -15.51 30.91
C GLY A 145 -6.11 -14.51 31.12
N LYS A 146 -5.80 -13.39 31.77
CA LYS A 146 -6.81 -12.37 32.05
C LYS A 146 -7.79 -12.09 30.91
N LYS A 147 -9.00 -11.67 31.28
CA LYS A 147 -10.05 -11.38 30.31
C LYS A 147 -10.54 -9.93 30.41
N TYR A 148 -11.01 -9.40 29.28
CA TYR A 148 -11.49 -8.03 29.24
C TYR A 148 -12.80 -7.92 28.49
N THR A 149 -13.66 -7.00 28.92
CA THR A 149 -14.96 -6.82 28.29
C THR A 149 -15.28 -5.38 27.95
N ALA A 150 -16.23 -5.19 27.04
CA ALA A 150 -16.65 -3.87 26.60
C ALA A 150 -17.80 -3.99 25.61
N PRO A 151 -18.85 -3.15 25.77
CA PRO A 151 -19.99 -3.18 24.87
C PRO A 151 -19.59 -2.91 23.42
N HIS A 152 -18.42 -2.29 23.26
CA HIS A 152 -17.89 -1.98 21.94
C HIS A 152 -16.47 -2.51 21.84
N ILE A 153 -16.23 -3.44 20.92
CA ILE A 153 -14.91 -4.00 20.74
C ILE A 153 -14.48 -3.90 19.27
N LEU A 154 -13.32 -3.30 19.04
CA LEU A 154 -12.82 -3.13 17.68
C LEU A 154 -11.69 -4.09 17.33
N ILE A 155 -11.77 -4.62 16.12
CA ILE A 155 -10.76 -5.54 15.63
C ILE A 155 -9.95 -4.74 14.61
N ALA A 156 -8.70 -4.44 14.96
CA ALA A 156 -7.82 -3.68 14.08
C ALA A 156 -6.45 -4.35 14.09
N THR A 157 -6.48 -5.66 13.87
CA THR A 157 -5.27 -6.47 13.88
C THR A 157 -4.48 -6.45 12.58
N GLY A 158 -4.93 -5.64 11.62
CA GLY A 158 -4.23 -5.55 10.35
C GLY A 158 -3.96 -6.87 9.68
N GLY A 159 -3.08 -6.87 8.69
CA GLY A 159 -2.74 -8.08 7.97
C GLY A 159 -1.26 -8.41 8.02
N MET A 160 -0.77 -9.15 7.03
CA MET A 160 0.64 -9.52 6.99
C MET A 160 1.04 -9.97 5.59
N PRO A 161 2.34 -9.96 5.28
CA PRO A 161 2.80 -10.39 3.96
C PRO A 161 2.57 -11.88 3.76
N SER A 162 2.05 -12.25 2.60
CA SER A 162 1.76 -13.64 2.30
C SER A 162 2.94 -14.39 1.68
N THR A 163 3.27 -15.54 2.24
CA THR A 163 4.37 -16.38 1.75
C THR A 163 3.81 -17.75 1.37
N PRO A 164 4.29 -18.34 0.27
CA PRO A 164 3.79 -19.66 -0.14
C PRO A 164 4.26 -20.78 0.78
N HIS A 165 3.51 -21.88 0.81
CA HIS A 165 3.86 -23.05 1.63
C HIS A 165 4.88 -23.89 0.90
N GLU A 166 5.68 -24.64 1.65
CA GLU A 166 6.67 -25.52 1.03
C GLU A 166 5.88 -26.58 0.26
N SER A 167 4.65 -26.79 0.71
CA SER A 167 3.74 -27.75 0.08
C SER A 167 3.52 -27.37 -1.37
N GLN A 168 3.27 -26.09 -1.59
CA GLN A 168 3.03 -25.54 -2.94
C GLN A 168 4.34 -25.35 -3.68
N ILE A 169 5.24 -24.57 -3.08
CA ILE A 169 6.52 -24.30 -3.69
C ILE A 169 7.64 -24.66 -2.74
N PRO A 170 8.36 -25.75 -3.03
CA PRO A 170 9.45 -26.16 -2.16
C PRO A 170 10.58 -25.12 -2.17
N GLY A 171 11.08 -24.79 -0.99
CA GLY A 171 12.16 -23.82 -0.89
C GLY A 171 11.63 -22.42 -0.67
N ALA A 172 10.31 -22.27 -0.75
CA ALA A 172 9.66 -20.98 -0.57
C ALA A 172 10.12 -20.19 0.65
N SER A 173 10.43 -20.88 1.74
CA SER A 173 10.85 -20.21 2.95
C SER A 173 12.20 -19.55 2.78
N LEU A 174 12.84 -19.79 1.63
CA LEU A 174 14.13 -19.18 1.35
C LEU A 174 13.94 -17.71 0.99
N GLY A 175 12.79 -17.37 0.43
CA GLY A 175 12.53 -16.00 0.06
C GLY A 175 11.95 -15.18 1.20
N ILE A 176 12.21 -13.88 1.19
CA ILE A 176 11.68 -12.98 2.22
C ILE A 176 10.47 -12.21 1.70
N THR A 177 10.01 -11.26 2.51
CA THR A 177 8.88 -10.42 2.16
C THR A 177 9.28 -8.98 2.42
N SER A 178 8.31 -8.07 2.30
CA SER A 178 8.57 -6.67 2.53
C SER A 178 9.07 -6.49 3.97
N ASP A 179 8.65 -7.37 4.87
CA ASP A 179 9.11 -7.28 6.25
C ASP A 179 10.63 -7.51 6.27
N GLY A 180 11.09 -8.41 5.41
CA GLY A 180 12.51 -8.69 5.37
C GLY A 180 13.27 -7.56 4.69
N PHE A 181 12.63 -7.00 3.68
CA PHE A 181 13.21 -5.89 2.93
C PHE A 181 13.75 -4.84 3.90
N PHE A 182 12.94 -4.48 4.90
CA PHE A 182 13.35 -3.45 5.85
C PHE A 182 14.28 -3.93 6.92
N GLN A 183 14.69 -5.19 6.82
CA GLN A 183 15.63 -5.72 7.80
C GLN A 183 16.98 -5.87 7.11
N LEU A 184 16.97 -5.79 5.79
CA LEU A 184 18.19 -5.90 4.98
C LEU A 184 19.23 -4.87 5.39
N GLU A 185 20.47 -5.31 5.52
CA GLU A 185 21.56 -4.41 5.89
C GLU A 185 22.45 -4.12 4.70
N GLU A 186 22.23 -4.83 3.59
CA GLU A 186 23.05 -4.64 2.42
C GLU A 186 22.22 -4.63 1.16
N LEU A 187 22.82 -4.19 0.06
CA LEU A 187 22.12 -4.17 -1.21
C LEU A 187 22.29 -5.52 -1.92
N PRO A 188 21.20 -6.27 -2.07
CA PRO A 188 21.34 -7.56 -2.75
C PRO A 188 21.91 -7.30 -4.15
N GLY A 189 22.97 -8.01 -4.49
CA GLY A 189 23.57 -7.85 -5.80
C GLY A 189 22.59 -8.23 -6.88
N ARG A 190 21.95 -9.38 -6.72
CA ARG A 190 20.96 -9.87 -7.68
C ARG A 190 19.64 -10.04 -6.95
N SER A 191 18.63 -9.29 -7.38
CA SER A 191 17.32 -9.36 -6.74
C SER A 191 16.20 -9.91 -7.60
N VAL A 192 15.34 -10.69 -6.97
CA VAL A 192 14.17 -11.23 -7.66
C VAL A 192 12.97 -10.99 -6.77
N ILE A 193 11.98 -10.33 -7.36
CA ILE A 193 10.77 -10.01 -6.63
C ILE A 193 9.59 -10.62 -7.36
N VAL A 194 8.77 -11.35 -6.61
CA VAL A 194 7.60 -12.00 -7.20
C VAL A 194 6.33 -11.29 -6.76
N GLY A 195 5.59 -10.78 -7.74
CA GLY A 195 4.35 -10.09 -7.45
C GLY A 195 4.02 -9.09 -8.53
N ALA A 196 2.81 -8.53 -8.49
CA ALA A 196 2.41 -7.55 -9.49
C ALA A 196 1.75 -6.32 -8.84
N GLY A 197 1.65 -6.34 -7.51
CA GLY A 197 1.03 -5.24 -6.79
C GLY A 197 1.97 -4.06 -6.57
N TYR A 198 1.54 -3.09 -5.78
CA TYR A 198 2.38 -1.91 -5.59
C TYR A 198 3.57 -2.19 -4.69
N ILE A 199 3.37 -3.03 -3.68
CA ILE A 199 4.46 -3.38 -2.80
C ILE A 199 5.58 -4.05 -3.62
N ALA A 200 5.18 -4.84 -4.61
CA ALA A 200 6.16 -5.51 -5.45
C ALA A 200 6.82 -4.50 -6.38
N VAL A 201 5.99 -3.71 -7.05
CA VAL A 201 6.50 -2.70 -7.96
C VAL A 201 7.41 -1.72 -7.21
N GLU A 202 6.97 -1.29 -6.03
CA GLU A 202 7.77 -0.35 -5.27
C GLU A 202 9.14 -0.92 -4.94
N MET A 203 9.18 -2.12 -4.37
CA MET A 203 10.44 -2.73 -4.01
C MET A 203 11.40 -2.93 -5.18
N ALA A 204 10.87 -3.42 -6.30
CA ALA A 204 11.71 -3.62 -7.46
C ALA A 204 12.30 -2.27 -7.88
N GLY A 205 11.49 -1.21 -7.77
CA GLY A 205 11.94 0.11 -8.14
C GLY A 205 13.15 0.59 -7.36
N ILE A 206 13.07 0.48 -6.04
CA ILE A 206 14.17 0.90 -5.17
C ILE A 206 15.42 0.07 -5.36
N LEU A 207 15.28 -1.25 -5.27
CA LEU A 207 16.44 -2.13 -5.43
C LEU A 207 17.15 -1.86 -6.74
N SER A 208 16.39 -1.81 -7.82
CA SER A 208 16.96 -1.56 -9.13
C SER A 208 17.67 -0.21 -9.18
N ALA A 209 16.99 0.82 -8.68
CA ALA A 209 17.57 2.15 -8.67
C ALA A 209 18.88 2.13 -7.88
N LEU A 210 18.85 1.49 -6.72
CA LEU A 210 20.03 1.45 -5.86
C LEU A 210 21.15 0.50 -6.30
N GLY A 211 21.05 -0.08 -7.50
CA GLY A 211 22.13 -0.92 -7.95
C GLY A 211 21.92 -2.42 -8.14
N SER A 212 20.92 -3.00 -7.47
CA SER A 212 20.69 -4.43 -7.62
C SER A 212 20.25 -4.79 -9.02
N LYS A 213 20.72 -5.94 -9.52
CA LYS A 213 20.30 -6.39 -10.83
C LYS A 213 18.95 -7.02 -10.52
N THR A 214 17.89 -6.23 -10.74
CA THR A 214 16.53 -6.62 -10.40
C THR A 214 15.64 -7.23 -11.46
N SER A 215 14.86 -8.21 -11.02
CA SER A 215 13.90 -8.90 -11.88
C SER A 215 12.57 -8.86 -11.16
N LEU A 216 11.50 -8.62 -11.91
CA LEU A 216 10.16 -8.61 -11.32
C LEU A 216 9.37 -9.70 -12.05
N MET A 217 8.95 -10.72 -11.31
CA MET A 217 8.22 -11.84 -11.91
C MET A 217 6.71 -11.69 -11.75
N ILE A 218 6.00 -11.59 -12.86
CA ILE A 218 4.56 -11.42 -12.80
C ILE A 218 3.77 -12.51 -13.51
N ARG A 219 2.63 -12.87 -12.94
CA ARG A 219 1.78 -13.92 -13.50
C ARG A 219 1.25 -13.59 -14.87
N HIS A 220 1.25 -12.32 -15.24
CA HIS A 220 0.73 -11.93 -16.54
C HIS A 220 1.71 -11.09 -17.34
N ASP A 221 1.19 -10.13 -18.10
CA ASP A 221 2.02 -9.28 -18.95
C ASP A 221 2.27 -7.85 -18.46
N LYS A 222 1.55 -7.42 -17.43
CA LYS A 222 1.72 -6.06 -16.91
C LYS A 222 1.49 -6.07 -15.41
N VAL A 223 1.98 -5.05 -14.71
CA VAL A 223 1.78 -4.96 -13.28
C VAL A 223 0.57 -4.08 -13.01
N LEU A 224 0.23 -3.96 -11.73
CA LEU A 224 -0.90 -3.12 -11.31
C LEU A 224 -2.13 -3.25 -12.21
N ARG A 225 -2.49 -4.50 -12.51
CA ARG A 225 -3.64 -4.76 -13.37
C ARG A 225 -4.98 -4.30 -12.78
N SER A 226 -5.03 -4.00 -11.49
CA SER A 226 -6.29 -3.53 -10.91
C SER A 226 -6.43 -2.02 -11.16
N PHE A 227 -5.30 -1.37 -11.46
CA PHE A 227 -5.31 0.05 -11.75
C PHE A 227 -5.80 0.23 -13.18
N ASP A 228 -5.95 1.47 -13.61
CA ASP A 228 -6.43 1.75 -14.95
C ASP A 228 -5.48 1.19 -16.00
N SER A 229 -6.04 0.80 -17.15
CA SER A 229 -5.25 0.22 -18.23
C SER A 229 -4.02 1.04 -18.61
N MET A 230 -4.18 2.35 -18.64
CA MET A 230 -3.07 3.22 -19.02
C MET A 230 -1.93 3.09 -18.01
N ILE A 231 -2.27 3.10 -16.72
CA ILE A 231 -1.28 2.98 -15.66
C ILE A 231 -0.57 1.63 -15.73
N SER A 232 -1.36 0.55 -15.83
CA SER A 232 -0.81 -0.78 -15.88
C SER A 232 0.22 -0.91 -17.01
N THR A 233 -0.16 -0.45 -18.20
CA THR A 233 0.69 -0.51 -19.38
C THR A 233 1.94 0.37 -19.27
N ASN A 234 1.73 1.61 -18.80
CA ASN A 234 2.82 2.57 -18.67
C ASN A 234 3.80 2.20 -17.56
N CYS A 235 3.26 1.76 -16.44
CA CYS A 235 4.10 1.39 -15.33
C CYS A 235 5.04 0.26 -15.71
N THR A 236 4.50 -0.74 -16.39
CA THR A 236 5.27 -1.88 -16.83
C THR A 236 6.39 -1.43 -17.76
N GLU A 237 6.08 -0.51 -18.66
CA GLU A 237 7.09 -0.01 -19.59
C GLU A 237 8.17 0.76 -18.84
N GLU A 238 7.76 1.57 -17.86
CA GLU A 238 8.74 2.34 -17.10
C GLU A 238 9.67 1.40 -16.33
N LEU A 239 9.09 0.38 -15.68
CA LEU A 239 9.89 -0.58 -14.94
C LEU A 239 11.02 -1.09 -15.85
N GLU A 240 10.65 -1.42 -17.08
CA GLU A 240 11.60 -1.94 -18.05
C GLU A 240 12.63 -0.90 -18.45
N ASN A 241 12.18 0.30 -18.83
CA ASN A 241 13.13 1.33 -19.22
C ASN A 241 14.13 1.57 -18.10
N ALA A 242 13.65 1.53 -16.86
CA ALA A 242 14.52 1.77 -15.71
C ALA A 242 15.50 0.61 -15.46
N GLY A 243 15.40 -0.44 -16.26
CA GLY A 243 16.32 -1.56 -16.11
C GLY A 243 15.82 -2.70 -15.24
N VAL A 244 14.51 -2.72 -15.02
CA VAL A 244 13.93 -3.78 -14.22
C VAL A 244 13.46 -4.87 -15.18
N GLU A 245 14.02 -6.07 -15.01
CA GLU A 245 13.61 -7.17 -15.86
C GLU A 245 12.24 -7.64 -15.42
N VAL A 246 11.27 -7.47 -16.30
CA VAL A 246 9.91 -7.88 -16.01
C VAL A 246 9.72 -9.23 -16.64
N LEU A 247 9.67 -10.25 -15.80
CA LEU A 247 9.48 -11.63 -16.25
C LEU A 247 7.97 -11.87 -16.31
N LYS A 248 7.43 -11.82 -17.52
CA LYS A 248 6.01 -11.96 -17.74
C LYS A 248 5.52 -13.39 -17.87
N PHE A 249 4.31 -13.63 -17.37
CA PHE A 249 3.70 -14.95 -17.45
C PHE A 249 4.62 -15.99 -16.85
N SER A 250 5.16 -15.68 -15.68
CA SER A 250 6.09 -16.58 -15.00
C SER A 250 5.72 -16.78 -13.55
N GLN A 251 6.02 -17.97 -13.04
CA GLN A 251 5.71 -18.30 -11.66
C GLN A 251 6.87 -19.09 -11.08
N VAL A 252 7.08 -18.96 -9.78
CA VAL A 252 8.16 -19.68 -9.13
C VAL A 252 7.72 -21.10 -8.84
N LYS A 253 8.35 -22.07 -9.48
CA LYS A 253 7.99 -23.45 -9.24
C LYS A 253 8.81 -24.05 -8.09
N GLU A 254 10.03 -23.55 -7.92
CA GLU A 254 10.90 -24.05 -6.85
C GLU A 254 12.09 -23.14 -6.58
N VAL A 255 12.57 -23.19 -5.34
CA VAL A 255 13.70 -22.37 -4.93
C VAL A 255 14.65 -23.16 -4.03
N LYS A 256 15.94 -22.85 -4.12
CA LYS A 256 16.95 -23.49 -3.29
C LYS A 256 18.29 -22.77 -3.24
N LYS A 257 18.97 -22.89 -2.11
CA LYS A 257 20.25 -22.24 -1.89
C LYS A 257 21.39 -22.93 -2.64
N THR A 258 22.14 -22.15 -3.40
CA THR A 258 23.26 -22.66 -4.15
C THR A 258 24.53 -22.16 -3.49
N LEU A 259 25.65 -22.26 -4.22
CA LEU A 259 26.93 -21.79 -3.70
C LEU A 259 26.92 -20.27 -3.63
N SER A 260 26.61 -19.65 -4.76
CA SER A 260 26.58 -18.19 -4.87
C SER A 260 25.21 -17.59 -4.54
N GLY A 261 24.54 -18.11 -3.52
CA GLY A 261 23.26 -17.54 -3.16
C GLY A 261 22.04 -18.43 -3.32
N LEU A 262 21.19 -18.09 -4.29
CA LEU A 262 19.95 -18.82 -4.53
C LEU A 262 19.65 -19.08 -5.99
N GLU A 263 19.01 -20.21 -6.26
CA GLU A 263 18.60 -20.53 -7.63
C GLU A 263 17.08 -20.57 -7.64
N VAL A 264 16.50 -19.86 -8.58
CA VAL A 264 15.05 -19.82 -8.69
C VAL A 264 14.58 -20.46 -9.97
N SER A 265 13.72 -21.47 -9.82
CA SER A 265 13.19 -22.16 -10.99
C SER A 265 11.82 -21.59 -11.26
N MET A 266 11.63 -21.06 -12.46
CA MET A 266 10.36 -20.48 -12.81
C MET A 266 9.86 -21.06 -14.10
N VAL A 267 8.55 -21.03 -14.25
CA VAL A 267 7.92 -21.50 -15.46
C VAL A 267 7.28 -20.28 -16.11
N THR A 268 7.50 -20.15 -17.41
CA THR A 268 6.95 -19.04 -18.17
C THR A 268 5.89 -19.60 -19.10
N ALA A 269 4.67 -19.10 -18.98
CA ALA A 269 3.59 -19.58 -19.82
C ALA A 269 2.95 -18.45 -20.63
N VAL A 270 3.61 -18.07 -21.72
CA VAL A 270 3.09 -17.02 -22.57
C VAL A 270 2.08 -17.56 -23.58
N PRO A 271 0.84 -17.05 -23.54
CA PRO A 271 -0.18 -17.51 -24.48
C PRO A 271 0.36 -17.40 -25.89
N GLY A 272 0.09 -18.41 -26.70
CA GLY A 272 0.60 -18.38 -28.06
C GLY A 272 2.01 -18.96 -28.12
N ARG A 273 2.53 -19.34 -26.95
CA ARG A 273 3.87 -19.93 -26.87
C ARG A 273 3.78 -21.13 -25.94
N LEU A 274 4.77 -22.01 -26.00
CA LEU A 274 4.80 -23.19 -25.13
C LEU A 274 5.46 -22.84 -23.81
N PRO A 275 5.04 -23.49 -22.72
CA PRO A 275 5.64 -23.20 -21.42
C PRO A 275 7.13 -23.47 -21.47
N VAL A 276 7.86 -22.94 -20.50
CA VAL A 276 9.31 -23.14 -20.45
C VAL A 276 9.82 -22.98 -19.03
N MET A 277 10.74 -23.85 -18.66
CA MET A 277 11.34 -23.78 -17.34
C MET A 277 12.64 -23.02 -17.49
N THR A 278 12.97 -22.21 -16.47
CA THR A 278 14.18 -21.43 -16.47
C THR A 278 14.75 -21.43 -15.07
N MET A 279 16.06 -21.58 -14.97
CA MET A 279 16.72 -21.56 -13.68
C MET A 279 17.36 -20.20 -13.55
N ILE A 280 16.97 -19.45 -12.53
CA ILE A 280 17.57 -18.14 -12.30
C ILE A 280 18.60 -18.33 -11.19
N PRO A 281 19.89 -18.22 -11.54
CA PRO A 281 21.00 -18.40 -10.60
C PRO A 281 21.54 -17.14 -9.95
N ASP A 282 22.40 -17.36 -8.95
CA ASP A 282 23.06 -16.29 -8.25
C ASP A 282 22.16 -15.20 -7.72
N VAL A 283 20.97 -15.57 -7.28
CA VAL A 283 20.05 -14.58 -6.74
C VAL A 283 20.46 -14.32 -5.30
N ASP A 284 20.81 -13.07 -4.98
CA ASP A 284 21.22 -12.71 -3.63
C ASP A 284 20.07 -12.67 -2.66
N CYS A 285 18.86 -12.67 -3.20
CA CYS A 285 17.64 -12.75 -2.39
C CYS A 285 16.34 -12.52 -3.10
N LEU A 286 15.40 -13.42 -2.78
CA LEU A 286 14.07 -13.45 -3.35
C LEU A 286 13.07 -12.82 -2.41
N LEU A 287 12.24 -11.94 -2.96
CA LEU A 287 11.22 -11.31 -2.13
C LEU A 287 9.84 -11.61 -2.66
N TRP A 288 9.02 -12.17 -1.78
CA TRP A 288 7.65 -12.53 -2.11
C TRP A 288 6.81 -11.29 -1.86
N ALA A 289 6.09 -10.84 -2.88
CA ALA A 289 5.21 -9.68 -2.77
C ALA A 289 3.97 -10.08 -3.55
N ILE A 290 3.33 -11.14 -3.08
CA ILE A 290 2.15 -11.69 -3.74
C ILE A 290 0.81 -11.41 -3.07
N GLY A 291 0.78 -10.49 -2.11
CA GLY A 291 -0.47 -10.15 -1.45
C GLY A 291 -0.32 -10.13 0.05
N ARG A 292 -1.34 -9.65 0.75
CA ARG A 292 -1.32 -9.57 2.22
C ARG A 292 -2.40 -10.48 2.79
N VAL A 293 -2.13 -11.03 3.96
CA VAL A 293 -3.10 -11.91 4.62
C VAL A 293 -3.52 -11.27 5.94
N PRO A 294 -4.83 -11.23 6.19
CA PRO A 294 -5.35 -10.65 7.43
C PRO A 294 -5.03 -11.52 8.65
N ASN A 295 -4.67 -10.89 9.77
CA ASN A 295 -4.37 -11.64 10.98
C ASN A 295 -5.65 -11.91 11.75
N THR A 296 -6.31 -13.01 11.43
CA THR A 296 -7.55 -13.37 12.11
C THR A 296 -7.55 -14.85 12.55
N LYS A 297 -6.66 -15.65 11.95
CA LYS A 297 -6.56 -17.08 12.25
C LYS A 297 -6.34 -17.48 13.71
N ASP A 298 -5.93 -16.54 14.56
CA ASP A 298 -5.71 -16.88 15.96
C ASP A 298 -6.61 -16.10 16.89
N LEU A 299 -7.58 -15.40 16.32
CA LEU A 299 -8.51 -14.62 17.11
C LEU A 299 -9.61 -15.54 17.60
N SER A 300 -9.70 -16.71 16.98
CA SER A 300 -10.73 -17.69 17.28
C SER A 300 -12.07 -16.94 17.26
N LEU A 301 -12.32 -16.31 16.10
CA LEU A 301 -13.53 -15.52 15.87
C LEU A 301 -14.76 -16.39 15.95
N ASN A 302 -14.72 -17.51 15.24
CA ASN A 302 -15.80 -18.48 15.20
C ASN A 302 -16.46 -18.67 16.57
N LYS A 303 -15.65 -18.66 17.62
CA LYS A 303 -16.15 -18.83 18.98
C LYS A 303 -17.23 -17.82 19.35
N LEU A 304 -17.56 -16.93 18.41
CA LEU A 304 -18.60 -15.92 18.59
C LEU A 304 -19.38 -15.78 17.30
N GLY A 305 -18.91 -16.50 16.28
CA GLY A 305 -19.58 -16.47 15.00
C GLY A 305 -19.26 -15.26 14.15
N ILE A 306 -18.16 -14.58 14.48
CA ILE A 306 -17.76 -13.41 13.72
C ILE A 306 -17.47 -13.84 12.28
N GLN A 307 -18.19 -13.26 11.34
CA GLN A 307 -18.07 -13.58 9.93
C GLN A 307 -16.74 -13.15 9.29
N THR A 308 -16.32 -13.90 8.27
CA THR A 308 -15.09 -13.62 7.54
C THR A 308 -15.23 -14.20 6.15
N ASP A 309 -14.46 -13.71 5.19
CA ASP A 309 -14.54 -14.23 3.84
C ASP A 309 -13.55 -15.40 3.80
N ASP A 310 -13.40 -16.06 2.65
CA ASP A 310 -12.48 -17.19 2.60
C ASP A 310 -11.01 -16.83 2.78
N LYS A 311 -10.63 -15.59 2.45
CA LYS A 311 -9.24 -15.21 2.62
C LYS A 311 -8.96 -14.84 4.06
N GLY A 312 -10.02 -14.77 4.88
CA GLY A 312 -9.85 -14.46 6.28
C GLY A 312 -10.25 -13.08 6.77
N HIS A 313 -10.56 -12.17 5.85
CA HIS A 313 -10.95 -10.82 6.25
C HIS A 313 -12.25 -10.81 7.03
N ILE A 314 -12.33 -9.89 7.98
CA ILE A 314 -13.54 -9.75 8.78
C ILE A 314 -14.52 -8.94 7.94
N ILE A 315 -15.74 -9.43 7.84
CA ILE A 315 -16.78 -8.80 7.05
C ILE A 315 -17.40 -7.67 7.86
N VAL A 316 -17.76 -6.59 7.19
CA VAL A 316 -18.36 -5.44 7.86
C VAL A 316 -19.32 -4.73 6.92
N ASP A 317 -20.15 -3.86 7.48
CA ASP A 317 -21.08 -3.09 6.67
C ASP A 317 -20.47 -1.70 6.50
N GLU A 318 -21.20 -0.79 5.87
CA GLU A 318 -20.70 0.55 5.65
C GLU A 318 -20.26 1.23 6.95
N PHE A 319 -20.69 0.69 8.09
CA PHE A 319 -20.33 1.26 9.39
C PHE A 319 -19.25 0.52 10.16
N GLN A 320 -18.56 -0.40 9.49
CA GLN A 320 -17.50 -1.19 10.12
C GLN A 320 -18.07 -2.11 11.21
N ASN A 321 -19.35 -2.46 11.09
CA ASN A 321 -19.99 -3.38 12.03
C ASN A 321 -19.72 -4.81 11.57
N THR A 322 -19.38 -5.69 12.50
CA THR A 322 -19.16 -7.08 12.13
C THR A 322 -20.56 -7.72 12.12
N ASN A 323 -20.63 -9.02 11.87
CA ASN A 323 -21.91 -9.73 11.85
C ASN A 323 -22.41 -9.95 13.26
N VAL A 324 -21.73 -9.35 14.24
CA VAL A 324 -22.08 -9.48 15.65
C VAL A 324 -22.10 -8.14 16.37
N LYS A 325 -23.23 -7.83 17.02
CA LYS A 325 -23.37 -6.57 17.74
C LYS A 325 -22.24 -6.31 18.72
N GLY A 326 -21.89 -5.04 18.91
CA GLY A 326 -20.82 -4.69 19.83
C GLY A 326 -19.44 -5.05 19.34
N ILE A 327 -19.32 -5.46 18.09
CA ILE A 327 -18.03 -5.83 17.54
C ILE A 327 -17.84 -5.24 16.15
N TYR A 328 -16.73 -4.53 15.97
CA TYR A 328 -16.43 -3.85 14.72
C TYR A 328 -15.05 -4.20 14.19
N ALA A 329 -14.76 -3.71 13.00
CA ALA A 329 -13.46 -3.96 12.39
C ALA A 329 -13.11 -2.89 11.34
N VAL A 330 -11.87 -2.42 11.37
CA VAL A 330 -11.41 -1.43 10.41
C VAL A 330 -9.98 -1.77 10.07
N GLY A 331 -9.51 -1.32 8.92
CA GLY A 331 -8.13 -1.56 8.55
C GLY A 331 -7.94 -2.66 7.55
N ASP A 332 -6.70 -3.10 7.43
CA ASP A 332 -6.34 -4.16 6.51
C ASP A 332 -7.09 -5.45 6.79
N VAL A 333 -7.41 -5.69 8.06
CA VAL A 333 -8.09 -6.92 8.45
C VAL A 333 -9.41 -7.10 7.68
N CYS A 334 -9.99 -5.97 7.25
CA CYS A 334 -11.24 -5.99 6.51
C CYS A 334 -10.97 -6.20 5.03
N GLY A 335 -9.71 -6.02 4.64
CA GLY A 335 -9.32 -6.23 3.26
C GLY A 335 -9.68 -5.22 2.18
N LYS A 336 -10.37 -4.14 2.51
CA LYS A 336 -10.69 -3.18 1.47
C LYS A 336 -9.91 -1.90 1.70
N ALA A 337 -9.22 -1.44 0.66
CA ALA A 337 -8.44 -0.22 0.78
C ALA A 337 -7.38 -0.34 1.87
N LEU A 338 -6.27 -0.99 1.54
CA LEU A 338 -5.17 -1.17 2.48
C LEU A 338 -4.22 0.02 2.43
N LEU A 339 -4.61 1.10 3.12
CA LEU A 339 -3.82 2.33 3.19
C LEU A 339 -3.95 2.86 4.60
N THR A 340 -2.85 3.28 5.20
CA THR A 340 -2.92 3.75 6.57
C THR A 340 -3.97 4.86 6.76
N PRO A 341 -4.10 5.79 5.79
CA PRO A 341 -5.12 6.83 5.99
C PRO A 341 -6.55 6.29 6.05
N VAL A 342 -6.84 5.27 5.25
CA VAL A 342 -8.18 4.68 5.26
C VAL A 342 -8.45 4.05 6.64
N ALA A 343 -7.45 3.37 7.18
CA ALA A 343 -7.60 2.77 8.49
C ALA A 343 -7.86 3.88 9.49
N ILE A 344 -7.07 4.95 9.43
CA ILE A 344 -7.23 6.09 10.34
C ILE A 344 -8.64 6.66 10.27
N ALA A 345 -9.04 7.07 9.08
CA ALA A 345 -10.36 7.65 8.85
C ALA A 345 -11.47 6.76 9.38
N ALA A 346 -11.45 5.49 8.96
CA ALA A 346 -12.46 4.51 9.39
C ALA A 346 -12.49 4.37 10.91
N GLY A 347 -11.30 4.26 11.51
CA GLY A 347 -11.24 4.13 12.95
C GLY A 347 -11.87 5.33 13.66
N ARG A 348 -11.58 6.53 13.18
CA ARG A 348 -12.12 7.73 13.81
C ARG A 348 -13.63 7.88 13.63
N LYS A 349 -14.09 7.79 12.39
CA LYS A 349 -15.52 7.91 12.14
C LYS A 349 -16.27 6.98 13.08
N LEU A 350 -15.72 5.79 13.31
CA LEU A 350 -16.37 4.82 14.18
C LEU A 350 -16.46 5.41 15.57
N ALA A 351 -15.34 5.90 16.08
CA ALA A 351 -15.31 6.51 17.41
C ALA A 351 -16.43 7.55 17.51
N HIS A 352 -16.55 8.39 16.50
CA HIS A 352 -17.58 9.42 16.48
C HIS A 352 -18.98 8.81 16.51
N ARG A 353 -19.19 7.74 15.77
CA ARG A 353 -20.50 7.09 15.75
C ARG A 353 -20.81 6.50 17.12
N LEU A 354 -19.96 5.59 17.57
CA LEU A 354 -20.15 4.93 18.85
C LEU A 354 -20.10 5.83 20.09
N PHE A 355 -19.31 6.89 20.04
CA PHE A 355 -19.17 7.74 21.22
C PHE A 355 -19.70 9.17 21.14
N GLU A 356 -19.96 9.66 19.93
CA GLU A 356 -20.50 10.99 19.79
C GLU A 356 -21.95 10.80 19.35
N TYR A 357 -22.30 9.54 19.10
CA TYR A 357 -23.65 9.17 18.70
C TYR A 357 -24.08 9.75 17.36
N LYS A 358 -23.19 9.69 16.38
CA LYS A 358 -23.49 10.19 15.05
C LYS A 358 -23.84 8.97 14.20
N GLU A 359 -25.13 8.64 14.14
CA GLU A 359 -25.56 7.46 13.39
C GLU A 359 -25.29 7.58 11.89
N ASP A 360 -24.46 8.55 11.51
CA ASP A 360 -24.12 8.75 10.11
C ASP A 360 -22.61 8.76 9.95
N SER A 361 -21.90 8.87 11.06
CA SER A 361 -20.44 8.90 11.01
C SER A 361 -19.88 7.62 10.41
N LYS A 362 -19.41 7.73 9.17
CA LYS A 362 -18.84 6.59 8.47
C LYS A 362 -17.96 7.06 7.32
N LEU A 363 -16.96 6.25 7.00
CA LEU A 363 -16.03 6.58 5.93
C LEU A 363 -16.57 6.29 4.54
N ASP A 364 -16.37 7.25 3.65
CA ASP A 364 -16.79 7.11 2.28
C ASP A 364 -15.62 6.43 1.59
N TYR A 365 -15.81 5.21 1.11
CA TYR A 365 -14.72 4.52 0.44
C TYR A 365 -14.56 4.88 -1.04
N ASN A 366 -15.49 5.66 -1.56
CA ASN A 366 -15.40 6.09 -2.95
C ASN A 366 -14.37 7.20 -3.02
N ASN A 367 -13.72 7.33 -4.16
CA ASN A 367 -12.73 8.37 -4.38
C ASN A 367 -11.63 8.50 -3.32
N ILE A 368 -11.06 7.39 -2.89
CA ILE A 368 -9.97 7.46 -1.93
C ILE A 368 -8.76 7.56 -2.85
N PRO A 369 -7.94 8.62 -2.70
CA PRO A 369 -6.78 8.76 -3.56
C PRO A 369 -5.60 7.90 -3.15
N THR A 370 -4.87 7.40 -4.15
CA THR A 370 -3.71 6.57 -3.86
C THR A 370 -2.51 6.89 -4.72
N VAL A 371 -1.34 6.83 -4.11
CA VAL A 371 -0.09 7.07 -4.82
C VAL A 371 0.79 5.83 -4.72
N VAL A 372 1.25 5.34 -5.85
CA VAL A 372 2.14 4.19 -5.85
C VAL A 372 3.51 4.76 -6.15
N PHE A 373 4.42 4.59 -5.20
CA PHE A 373 5.77 5.11 -5.33
C PHE A 373 6.69 4.30 -6.23
N SER A 374 6.38 4.35 -7.52
CA SER A 374 7.18 3.71 -8.54
C SER A 374 8.10 4.79 -9.06
N HIS A 375 8.61 4.64 -10.27
CA HIS A 375 9.51 5.64 -10.84
C HIS A 375 9.19 5.88 -12.31
N PRO A 376 8.53 6.99 -12.64
CA PRO A 376 8.05 8.02 -11.71
C PRO A 376 6.83 7.54 -10.93
N PRO A 377 6.45 8.26 -9.86
CA PRO A 377 5.28 7.84 -9.06
C PRO A 377 3.95 7.82 -9.81
N ILE A 378 3.04 7.01 -9.29
CA ILE A 378 1.71 6.85 -9.85
C ILE A 378 0.68 7.50 -8.96
N GLY A 379 -0.27 8.21 -9.55
CA GLY A 379 -1.31 8.85 -8.77
C GLY A 379 -2.67 8.44 -9.26
N THR A 380 -3.61 8.20 -8.35
CA THR A 380 -4.91 7.78 -8.81
C THR A 380 -6.04 8.01 -7.82
N VAL A 381 -7.22 8.27 -8.36
CA VAL A 381 -8.43 8.48 -7.58
C VAL A 381 -9.62 8.29 -8.51
N GLY A 382 -10.73 7.80 -7.96
CA GLY A 382 -11.90 7.59 -8.78
C GLY A 382 -11.89 6.26 -9.52
N LEU A 383 -12.82 6.11 -10.45
CA LEU A 383 -12.95 4.89 -11.22
C LEU A 383 -12.00 4.77 -12.39
N THR A 384 -11.73 3.55 -12.82
CA THR A 384 -10.85 3.33 -13.96
C THR A 384 -11.80 3.45 -15.14
N GLU A 385 -11.27 3.70 -16.34
CA GLU A 385 -12.12 3.83 -17.51
C GLU A 385 -13.09 2.65 -17.56
N ASP A 386 -12.55 1.44 -17.43
CA ASP A 386 -13.36 0.23 -17.48
C ASP A 386 -14.39 0.19 -16.37
N GLU A 387 -14.05 0.70 -15.21
CA GLU A 387 -14.98 0.72 -14.10
C GLU A 387 -16.10 1.72 -14.41
N ALA A 388 -15.75 2.78 -15.12
CA ALA A 388 -16.73 3.79 -15.47
C ALA A 388 -17.72 3.21 -16.47
N ILE A 389 -17.20 2.63 -17.54
CA ILE A 389 -18.04 2.03 -18.58
C ILE A 389 -19.11 1.11 -18.00
N HIS A 390 -18.76 0.34 -16.99
CA HIS A 390 -19.70 -0.57 -16.37
C HIS A 390 -20.76 0.12 -15.54
N LYS A 391 -20.35 1.18 -14.85
CA LYS A 391 -21.26 1.93 -13.99
C LYS A 391 -22.19 2.92 -14.72
N TYR A 392 -21.73 3.44 -15.85
CA TYR A 392 -22.52 4.44 -16.58
C TYR A 392 -22.92 3.99 -17.97
N GLY A 393 -22.06 3.19 -18.59
CA GLY A 393 -22.35 2.71 -19.92
C GLY A 393 -21.41 3.34 -20.94
N ILE A 394 -20.89 2.52 -21.83
CA ILE A 394 -19.96 2.97 -22.85
C ILE A 394 -20.34 4.33 -23.43
N GLU A 395 -21.59 4.46 -23.86
CA GLU A 395 -22.04 5.71 -24.47
C GLU A 395 -21.93 6.92 -23.55
N ASN A 396 -22.06 6.70 -22.25
CA ASN A 396 -21.99 7.80 -21.30
C ASN A 396 -20.60 8.01 -20.72
N VAL A 397 -19.56 7.65 -21.48
CA VAL A 397 -18.22 7.83 -20.96
C VAL A 397 -17.18 8.27 -21.97
N LYS A 398 -16.60 9.44 -21.74
CA LYS A 398 -15.56 9.95 -22.61
C LYS A 398 -14.32 10.10 -21.74
N THR A 399 -13.15 9.83 -22.30
CA THR A 399 -11.93 9.97 -21.54
C THR A 399 -10.91 10.83 -22.26
N TYR A 400 -10.18 11.61 -21.48
CA TYR A 400 -9.16 12.48 -22.03
C TYR A 400 -7.83 11.97 -21.54
N SER A 401 -6.79 12.12 -22.34
CA SER A 401 -5.49 11.65 -21.94
C SER A 401 -4.39 12.28 -22.75
N THR A 402 -3.24 12.44 -22.11
CA THR A 402 -2.09 13.01 -22.77
C THR A 402 -0.83 12.33 -22.28
N SER A 403 0.18 12.34 -23.11
CA SER A 403 1.46 11.73 -22.78
C SER A 403 2.50 12.73 -23.24
N PHE A 404 3.54 12.92 -22.44
CA PHE A 404 4.58 13.86 -22.80
C PHE A 404 5.78 13.65 -21.89
N THR A 405 6.89 14.29 -22.22
CA THR A 405 8.10 14.17 -21.42
C THR A 405 8.29 15.41 -20.57
N PRO A 406 8.27 15.27 -19.24
CA PRO A 406 8.47 16.44 -18.38
C PRO A 406 9.67 17.28 -18.87
N MET A 407 9.51 18.59 -18.96
CA MET A 407 10.60 19.41 -19.46
C MET A 407 11.85 19.30 -18.59
N TYR A 408 11.74 18.59 -17.47
CA TYR A 408 12.90 18.39 -16.62
C TYR A 408 13.88 17.50 -17.38
N HIS A 409 13.35 16.67 -18.27
CA HIS A 409 14.18 15.76 -19.05
C HIS A 409 14.59 16.40 -20.37
N ALA A 410 14.25 17.66 -20.56
CA ALA A 410 14.59 18.32 -21.81
C ALA A 410 16.09 18.29 -22.05
N VAL A 411 16.87 18.27 -20.97
CA VAL A 411 18.33 18.26 -21.07
C VAL A 411 18.96 16.94 -20.61
N THR A 412 18.13 15.94 -20.39
CA THR A 412 18.65 14.66 -19.91
C THR A 412 18.65 13.57 -20.97
N LYS A 413 19.72 12.78 -21.00
CA LYS A 413 19.80 11.65 -21.93
C LYS A 413 18.79 10.65 -21.41
N ARG A 414 18.75 10.51 -20.10
CA ARG A 414 17.85 9.61 -19.41
C ARG A 414 16.45 10.22 -19.48
N LYS A 415 15.44 9.37 -19.61
CA LYS A 415 14.08 9.88 -19.72
C LYS A 415 13.00 9.03 -19.07
N THR A 416 11.87 9.68 -18.84
CA THR A 416 10.70 9.07 -18.26
C THR A 416 9.60 9.98 -18.77
N LYS A 417 8.47 9.39 -19.15
CA LYS A 417 7.39 10.19 -19.66
C LYS A 417 6.37 10.45 -18.55
N CYS A 418 5.28 11.09 -18.94
CA CYS A 418 4.22 11.39 -18.01
C CYS A 418 2.89 11.13 -18.70
N VAL A 419 2.08 10.30 -18.08
CA VAL A 419 0.79 10.00 -18.66
C VAL A 419 -0.31 10.45 -17.72
N MET A 420 -1.39 10.93 -18.32
CA MET A 420 -2.54 11.42 -17.55
C MET A 420 -3.78 10.99 -18.29
N LYS A 421 -4.79 10.62 -17.50
CA LYS A 421 -6.07 10.14 -18.02
C LYS A 421 -7.18 10.67 -17.14
N MET A 422 -8.18 11.28 -17.76
CA MET A 422 -9.31 11.81 -17.02
C MET A 422 -10.55 11.07 -17.47
N VAL A 423 -11.23 10.47 -16.52
CA VAL A 423 -12.45 9.71 -16.84
C VAL A 423 -13.71 10.52 -16.52
N CYS A 424 -14.46 10.85 -17.58
CA CYS A 424 -15.69 11.63 -17.45
C CYS A 424 -16.99 10.84 -17.70
N ALA A 425 -18.05 11.20 -16.99
CA ALA A 425 -19.33 10.52 -17.15
C ALA A 425 -20.48 11.50 -17.35
N ASN A 426 -21.42 11.11 -18.22
CA ASN A 426 -22.61 11.90 -18.52
C ASN A 426 -22.40 13.12 -19.41
N LYS A 427 -23.50 13.83 -19.65
CA LYS A 427 -23.49 15.03 -20.47
C LYS A 427 -22.56 16.07 -19.83
N GLU A 428 -22.68 16.23 -18.52
CA GLU A 428 -21.86 17.19 -17.78
C GLU A 428 -20.38 16.82 -17.69
N GLU A 429 -20.03 15.60 -18.11
CA GLU A 429 -18.65 15.14 -18.07
C GLU A 429 -18.06 15.24 -16.67
N LYS A 430 -18.76 14.67 -15.70
CA LYS A 430 -18.30 14.68 -14.32
C LYS A 430 -16.99 13.89 -14.22
N VAL A 431 -15.98 14.49 -13.60
CA VAL A 431 -14.70 13.81 -13.43
C VAL A 431 -14.92 12.71 -12.40
N VAL A 432 -14.97 11.46 -12.84
CA VAL A 432 -15.17 10.35 -11.92
C VAL A 432 -13.87 9.59 -11.73
N GLY A 433 -12.87 9.93 -12.53
CA GLY A 433 -11.59 9.26 -12.41
C GLY A 433 -10.38 10.03 -12.90
N ILE A 434 -9.31 9.97 -12.11
CA ILE A 434 -8.06 10.61 -12.48
C ILE A 434 -6.90 9.68 -12.17
N HIS A 435 -6.15 9.35 -13.23
CA HIS A 435 -5.01 8.44 -13.15
C HIS A 435 -3.84 9.03 -13.87
N MET A 436 -2.67 8.97 -13.25
CA MET A 436 -1.48 9.51 -13.88
C MET A 436 -0.18 8.93 -13.32
N GLN A 437 0.87 9.03 -14.11
CA GLN A 437 2.18 8.58 -13.71
C GLN A 437 3.17 9.60 -14.26
N GLY A 438 4.14 9.99 -13.43
CA GLY A 438 5.13 10.95 -13.86
C GLY A 438 5.74 11.74 -12.72
N LEU A 439 6.76 12.53 -13.03
CA LEU A 439 7.41 13.36 -12.02
C LEU A 439 6.40 14.28 -11.34
N GLY A 440 6.48 14.33 -10.02
CA GLY A 440 5.59 15.20 -9.26
C GLY A 440 4.25 14.63 -8.88
N CYS A 441 3.72 13.71 -9.69
CA CYS A 441 2.42 13.11 -9.42
C CYS A 441 2.16 12.67 -7.99
N ASP A 442 3.21 12.32 -7.26
CA ASP A 442 3.00 11.91 -5.88
C ASP A 442 2.47 13.08 -5.07
N GLU A 443 2.91 14.30 -5.39
CA GLU A 443 2.46 15.48 -4.66
C GLU A 443 1.41 16.29 -5.44
N MET A 444 1.05 15.81 -6.62
CA MET A 444 0.10 16.50 -7.48
C MET A 444 -1.35 16.06 -7.33
N LEU A 445 -1.54 14.85 -6.81
CA LEU A 445 -2.87 14.26 -6.68
C LEU A 445 -3.83 14.78 -5.62
N GLN A 446 -3.35 14.96 -4.40
CA GLN A 446 -4.20 15.39 -3.30
C GLN A 446 -5.20 16.49 -3.63
N GLY A 447 -4.72 17.54 -4.31
CA GLY A 447 -5.59 18.64 -4.66
C GLY A 447 -6.70 18.25 -5.61
N PHE A 448 -6.35 17.47 -6.63
CA PHE A 448 -7.35 17.03 -7.59
C PHE A 448 -8.34 16.06 -6.96
N ALA A 449 -7.89 15.26 -6.00
CA ALA A 449 -8.79 14.30 -5.35
C ALA A 449 -9.89 15.10 -4.68
N VAL A 450 -9.50 16.18 -4.02
CA VAL A 450 -10.43 17.06 -3.34
C VAL A 450 -11.51 17.52 -4.31
N ALA A 451 -11.08 18.00 -5.46
CA ALA A 451 -12.01 18.47 -6.48
C ALA A 451 -12.93 17.35 -6.92
N VAL A 452 -12.34 16.18 -7.15
CA VAL A 452 -13.08 15.01 -7.59
C VAL A 452 -14.16 14.57 -6.62
N LYS A 453 -13.91 14.72 -5.33
CA LYS A 453 -14.90 14.31 -4.33
C LYS A 453 -16.03 15.33 -4.22
N MET A 454 -15.77 16.55 -4.70
CA MET A 454 -16.79 17.60 -4.68
C MET A 454 -17.71 17.44 -5.88
N GLY A 455 -17.31 16.56 -6.80
CA GLY A 455 -18.10 16.31 -7.99
C GLY A 455 -17.68 17.18 -9.16
N ALA A 456 -16.40 17.53 -9.21
CA ALA A 456 -15.87 18.37 -10.27
C ALA A 456 -16.27 17.85 -11.65
N THR A 457 -16.30 18.74 -12.62
CA THR A 457 -16.65 18.37 -13.97
C THR A 457 -15.47 18.76 -14.85
N LYS A 458 -15.47 18.30 -16.09
CA LYS A 458 -14.36 18.64 -16.98
C LYS A 458 -14.26 20.16 -17.03
N ALA A 459 -15.42 20.82 -16.95
CA ALA A 459 -15.50 22.28 -16.98
C ALA A 459 -14.84 22.89 -15.76
N ASP A 460 -15.04 22.27 -14.60
CA ASP A 460 -14.44 22.78 -13.38
C ASP A 460 -12.92 22.83 -13.53
N PHE A 461 -12.36 21.81 -14.19
CA PHE A 461 -10.93 21.75 -14.41
C PHE A 461 -10.53 22.83 -15.42
N ASP A 462 -11.26 22.86 -16.53
CA ASP A 462 -10.97 23.82 -17.59
C ASP A 462 -11.19 25.29 -17.27
N ASN A 463 -11.95 25.60 -16.23
CA ASN A 463 -12.16 26.99 -15.89
C ASN A 463 -11.05 27.45 -14.96
N THR A 464 -10.16 26.53 -14.62
CA THR A 464 -9.05 26.85 -13.73
C THR A 464 -7.82 27.21 -14.53
N VAL A 465 -7.29 28.40 -14.27
CA VAL A 465 -6.12 28.86 -14.98
C VAL A 465 -4.90 27.99 -14.67
N ALA A 466 -4.20 27.62 -15.74
CA ALA A 466 -3.01 26.80 -15.64
C ALA A 466 -1.85 27.47 -14.92
N ILE A 467 -1.09 26.65 -14.20
CA ILE A 467 0.09 27.11 -13.49
C ILE A 467 1.23 26.71 -14.38
N HIS A 468 1.66 27.64 -15.23
CA HIS A 468 2.72 27.36 -16.15
C HIS A 468 4.09 27.88 -15.68
N PRO A 469 5.16 27.12 -15.88
CA PRO A 469 5.20 25.79 -16.52
C PRO A 469 5.35 24.66 -15.49
N THR A 470 4.40 23.74 -15.49
CA THR A 470 4.45 22.60 -14.58
C THR A 470 3.83 21.42 -15.32
N SER A 471 3.72 20.29 -14.65
CA SER A 471 3.10 19.14 -15.29
C SER A 471 1.63 19.21 -14.92
N SER A 472 1.38 19.63 -13.69
CA SER A 472 0.03 19.75 -13.16
C SER A 472 -0.91 20.47 -14.11
N GLU A 473 -0.41 21.52 -14.76
CA GLU A 473 -1.24 22.30 -15.67
C GLU A 473 -1.85 21.48 -16.79
N GLU A 474 -1.21 20.36 -17.12
CA GLU A 474 -1.73 19.50 -18.17
C GLU A 474 -3.09 18.93 -17.81
N LEU A 475 -3.39 18.85 -16.52
CA LEU A 475 -4.66 18.32 -16.08
C LEU A 475 -5.82 19.27 -16.34
N VAL A 476 -5.56 20.57 -16.34
CA VAL A 476 -6.62 21.55 -16.59
C VAL A 476 -6.63 22.00 -18.04
N THR A 477 -5.87 21.32 -18.90
CA THR A 477 -5.82 21.68 -20.30
C THR A 477 -5.94 20.46 -21.21
N LEU A 478 -6.57 19.41 -20.68
CA LEU A 478 -6.76 18.20 -21.47
C LEU A 478 -7.81 18.49 -22.53
N ARG A 479 -7.46 18.20 -23.78
CA ARG A 479 -8.38 18.41 -24.87
C ARG A 479 -8.57 17.06 -25.55
P PO4 B . -4.74 -15.74 -12.63
O1 PO4 B . -3.41 -15.19 -12.29
O2 PO4 B . -5.17 -15.24 -13.96
O3 PO4 B . -5.73 -15.32 -11.60
O4 PO4 B . -4.67 -17.22 -12.67
P PO4 C . -1.50 -10.53 -11.04
O1 PO4 C . -0.48 -11.48 -11.54
O2 PO4 C . -1.14 -10.08 -9.67
O3 PO4 C . -2.83 -11.18 -11.02
O4 PO4 C . -1.55 -9.35 -11.95
P PO4 D . 3.32 6.87 8.97
O1 PO4 D . 3.72 8.29 8.86
O2 PO4 D . 1.84 6.76 8.87
O3 PO4 D . 3.94 6.10 7.88
O4 PO4 D . 3.76 6.33 10.29
P PO4 E . 22.03 12.00 -4.10
O1 PO4 E . 21.01 11.48 -5.01
O2 PO4 E . 22.75 13.09 -4.77
O3 PO4 E . 21.40 12.51 -2.88
O4 PO4 E . 22.95 10.93 -3.75
CL CL F . 6.73 -0.75 21.29
K K G . 1.24 5.72 11.10
PA FAD H . -1.29 -2.87 11.35
O1A FAD H . -1.79 -3.56 10.14
O2A FAD H . -0.65 -1.52 11.50
O5B FAD H . -2.08 -3.46 12.63
C5B FAD H . -1.94 -3.01 13.99
C4B FAD H . -1.38 -4.07 14.98
O4B FAD H . -2.24 -5.21 15.13
C3B FAD H . 0.01 -4.67 14.68
O3B FAD H . 1.03 -3.95 15.32
C2B FAD H . -0.13 -6.10 15.18
O2B FAD H . 0.96 -6.61 15.92
C1B FAD H . -1.43 -6.05 15.95
N9A FAD H . -2.10 -7.35 16.19
C8A FAD H . -2.38 -8.35 15.28
N7A FAD H . -2.97 -9.39 15.82
C5A FAD H . -3.11 -9.08 17.16
C6A FAD H . -3.68 -9.77 18.28
N6A FAD H . -4.23 -10.98 18.16
N1A FAD H . -3.65 -9.17 19.49
C2A FAD H . -3.08 -7.91 19.61
N3A FAD H . -2.53 -7.18 18.62
C4A FAD H . -2.57 -7.82 17.40
N1 FAD H . -0.18 2.60 3.36
C2 FAD H . -0.29 3.88 2.87
O2 FAD H . -1.33 4.60 3.03
N3 FAD H . 0.75 4.48 2.16
C4 FAD H . 1.95 3.83 1.89
O4 FAD H . 2.84 4.45 1.24
C4X FAD H . 2.08 2.50 2.41
N5 FAD H . 3.29 1.79 2.18
C5X FAD H . 3.38 0.50 2.65
C6 FAD H . 4.59 -0.24 2.41
C7 FAD H . 4.77 -1.55 2.85
C7M FAD H . 6.11 -2.25 2.52
C8 FAD H . 3.73 -2.20 3.57
C8M FAD H . 3.84 -3.63 4.08
C9 FAD H . 2.51 -1.47 3.82
C9A FAD H . 2.31 -0.15 3.40
N10 FAD H . 1.10 0.59 3.63
C10 FAD H . 0.97 1.95 3.13
C1' FAD H . -0.05 0.01 4.37
C2' FAD H . -0.32 0.56 5.77
O2' FAD H . 0.90 0.48 6.52
C3' FAD H . -1.45 -0.27 6.40
O3' FAD H . -2.59 -0.12 5.55
C4' FAD H . -1.89 0.16 7.80
O4' FAD H . -0.76 0.05 8.70
C5' FAD H . -2.99 -0.77 8.25
O5' FAD H . -3.58 -0.40 9.51
P FAD H . -3.90 -1.42 10.67
O1P FAD H . -4.61 -0.64 11.68
O2P FAD H . -4.58 -2.63 10.11
O3P FAD H . -2.53 -1.85 11.37
C1 AUP I . 16.77 -14.41 4.52
C2 AUP I . 17.36 -15.26 3.55
C3 AUP I . 17.02 -16.77 3.49
C4 AUP I . 16.01 -17.31 4.53
C5 AUP I . 15.03 -16.24 5.05
C6 AUP I . 15.76 -14.98 5.54
C7 AUP I . 17.15 -13.11 4.44
P AUP I . 18.34 -12.85 3.11
C9 AUP I . 18.23 -14.63 2.71
N14 AUP I . 19.66 -16.36 2.00
C15 AUP I . 20.49 -17.16 1.24
C16 AUP I . 20.77 -16.77 -0.08
C17 AUP I . 20.18 -15.57 -0.56
C18 AUP I . 19.32 -14.78 0.24
C19 AUP I . 19.04 -15.18 1.57
C24 AUP I . 22.79 -11.69 3.37
C25 AUP I . 22.41 -12.66 4.33
C26 AUP I . 21.06 -13.13 4.39
C27 AUP I . 20.11 -12.61 3.47
C28 AUP I . 20.48 -11.63 2.51
C29 AUP I . 21.83 -11.17 2.46
N35 AUP I . 16.60 -12.11 6.61
C36 AUP I . 16.80 -11.92 5.25
C37 AUP I . 16.66 -10.62 4.68
C38 AUP I . 16.33 -9.57 5.54
C39 AUP I . 16.12 -9.78 6.93
C40 AUP I . 16.27 -11.09 7.46
AU AU J . 17.41 -11.76 1.24
AU AU K . 1.96 3.83 7.61
C1 GOL L . -1.15 -7.17 -4.64
O1 GOL L . 0.11 -8.12 -5.01
C2 GOL L . -1.46 -6.70 -3.35
O2 GOL L . -2.51 -7.36 -2.83
C3 GOL L . -0.69 -5.82 -3.04
O3 GOL L . 0.64 -5.01 -2.90
C1 GOL M . -13.06 -2.83 4.42
O1 GOL M . -11.46 -2.84 4.70
C2 GOL M . -13.94 -2.08 5.11
O2 GOL M . -13.49 -1.82 6.33
C3 GOL M . -14.88 -1.83 4.43
O3 GOL M . -16.31 -1.33 4.01
C1 GOL N . 1.87 8.76 11.77
O1 GOL N . 3.38 8.33 12.13
C2 GOL N . 1.49 9.58 10.69
O2 GOL N . 2.44 10.50 10.41
C3 GOL N . 0.42 9.22 10.28
O3 GOL N . -0.82 9.10 9.33
C1 GOL O . -3.50 12.42 10.70
O1 GOL O . -4.80 12.23 9.74
C2 GOL O . -3.40 13.29 11.79
O2 GOL O . -4.25 14.33 11.68
C3 GOL O . -2.55 12.89 12.56
O3 GOL O . -1.89 12.27 13.82
#